data_7FRO
#
_entry.id   7FRO
#
_cell.length_a   89.583
_cell.length_b   89.583
_cell.length_c   106.360
_cell.angle_alpha   90.000
_cell.angle_beta   90.000
_cell.angle_gamma   120.000
#
_symmetry.space_group_name_H-M   'P 31 2 1'
#
loop_
_entity.id
_entity.type
_entity.pdbx_description
1 polymer 'Tyrosine-protein phosphatase non-receptor type 1'
2 non-polymer 2-AMINO-2-HYDROXYMETHYL-PROPANE-1,3-DIOL
3 non-polymer 2-(thiophen-2-yl)-1H-imidazole
4 water water
#
_entity_poly.entity_id   1
_entity_poly.type   'polypeptide(L)'
_entity_poly.pdbx_seq_one_letter_code
;MEMEKEFEQIDKSGSWAAIYQDIRHEASDFPSRVAKLPKNKNRNRYRDVSPFDHSRIKLHQEDNDYINASLIKMEEAQRS
YILTQGPLPNTVGHFWEMVWEQKSRGVVMLNRVMEKGSLKCAQYWPQKEEKEMIFEDTNLKLTLISEDIKSYYTVRQLEL
ENLTTQETREILHFHYTTWPDFGVPESPASFLNFLFKVRESGSLSPEHGPVVVHCSAGIGRSGTFCLADTCLLLMDKRKD
PSSVDIKKVLLEMRKFRMGLIQTADQLRFSYLAVIEGAKFIMGDSSVQDQWKELSHEDLEPPPEHIPPPPRPPKRILEPH
N
;
_entity_poly.pdbx_strand_id   A
#
loop_
_chem_comp.id
_chem_comp.type
_chem_comp.name
_chem_comp.formula
JG4 non-polymer 2-(thiophen-2-yl)-1H-imidazole 'C7 H6 N2 S'
TRS non-polymer 2-AMINO-2-HYDROXYMETHYL-PROPANE-1,3-DIOL 'C4 H12 N O3 1'
#
# COMPACT_ATOMS: atom_id res chain seq x y z
N GLU A 2 25.52 -9.17 1.25
CA GLU A 2 24.94 -7.92 0.66
C GLU A 2 24.13 -8.22 -0.60
N MET A 3 23.05 -7.47 -0.78
CA MET A 3 21.97 -7.66 -1.79
C MET A 3 22.41 -7.28 -3.21
N GLU A 4 23.26 -6.26 -3.36
CA GLU A 4 23.84 -5.88 -4.67
C GLU A 4 24.45 -7.12 -5.33
N LYS A 5 25.22 -7.87 -4.54
CA LYS A 5 25.96 -9.08 -4.99
C LYS A 5 24.92 -10.18 -5.25
N GLU A 6 24.01 -10.37 -4.29
CA GLU A 6 22.87 -11.33 -4.41
C GLU A 6 22.05 -11.01 -5.68
N PHE A 7 21.86 -9.73 -6.01
CA PHE A 7 21.11 -9.27 -7.20
C PHE A 7 21.81 -9.79 -8.46
N GLU A 8 23.12 -9.52 -8.57
CA GLU A 8 23.93 -9.92 -9.75
C GLU A 8 23.88 -11.44 -9.92
N GLN A 9 24.08 -12.20 -8.86
CA GLN A 9 23.96 -13.68 -8.82
C GLN A 9 22.64 -14.12 -9.45
N ILE A 10 21.51 -13.74 -8.86
CA ILE A 10 20.16 -14.23 -9.28
C ILE A 10 19.95 -13.75 -10.72
N ASP A 11 20.38 -12.53 -11.02
CA ASP A 11 20.21 -11.93 -12.37
C ASP A 11 21.04 -12.72 -13.39
N LYS A 12 22.36 -12.76 -13.21
CA LYS A 12 23.30 -13.51 -14.09
C LYS A 12 22.84 -14.97 -14.21
N SER A 13 22.32 -15.61 -13.16
CA SER A 13 21.86 -17.03 -13.22
C SER A 13 20.39 -17.14 -13.66
N GLY A 14 19.72 -16.02 -13.97
CA GLY A 14 18.24 -15.89 -14.15
C GLY A 14 17.41 -16.72 -13.17
N SER A 15 17.62 -16.62 -11.86
CA SER A 15 16.93 -17.47 -10.86
C SER A 15 15.72 -16.76 -10.22
N TRP A 16 15.23 -15.65 -10.80
CA TRP A 16 14.17 -14.84 -10.14
C TRP A 16 12.93 -15.69 -9.90
N ALA A 17 12.50 -16.49 -10.87
CA ALA A 17 11.29 -17.32 -10.74
C ALA A 17 11.49 -18.31 -9.60
N ALA A 18 12.72 -18.79 -9.40
CA ALA A 18 13.05 -19.81 -8.38
C ALA A 18 13.03 -19.21 -6.99
N ILE A 19 13.71 -18.07 -6.79
CA ILE A 19 13.68 -17.29 -5.51
C ILE A 19 12.20 -17.04 -5.17
N TYR A 20 11.44 -16.55 -6.14
CA TYR A 20 10.04 -16.15 -5.95
C TYR A 20 9.22 -17.35 -5.46
N GLN A 21 9.42 -18.52 -6.06
CA GLN A 21 8.77 -19.79 -5.66
C GLN A 21 9.15 -20.17 -4.22
N ASP A 22 10.41 -19.98 -3.79
CA ASP A 22 10.79 -20.31 -2.38
C ASP A 22 10.00 -19.42 -1.41
N ILE A 23 9.86 -18.14 -1.75
CA ILE A 23 9.08 -17.17 -0.93
C ILE A 23 7.64 -17.63 -0.85
N ARG A 24 7.07 -17.99 -2.00
CA ARG A 24 5.68 -18.50 -2.07
C ARG A 24 5.53 -19.68 -1.10
N HIS A 25 6.46 -20.64 -1.17
N HIS A 25 6.45 -20.64 -1.15
CA HIS A 25 6.47 -21.90 -0.38
CA HIS A 25 6.36 -21.91 -0.36
C HIS A 25 6.56 -21.58 1.11
C HIS A 25 6.58 -21.61 1.13
N GLU A 26 7.45 -20.65 1.48
CA GLU A 26 7.76 -20.32 2.90
C GLU A 26 6.68 -19.44 3.54
N ALA A 27 5.82 -18.78 2.77
CA ALA A 27 4.88 -17.75 3.28
C ALA A 27 3.85 -18.34 4.23
N SER A 28 3.50 -17.59 5.25
CA SER A 28 2.49 -17.90 6.27
C SER A 28 1.15 -18.12 5.61
N ASP A 29 0.29 -18.87 6.29
CA ASP A 29 -1.10 -19.04 5.88
C ASP A 29 -1.95 -19.00 7.15
N PHE A 30 -2.81 -18.01 7.28
CA PHE A 30 -3.65 -17.87 8.48
C PHE A 30 -5.09 -17.86 8.01
N PRO A 31 -6.03 -18.13 8.91
CA PRO A 31 -7.42 -18.09 8.54
C PRO A 31 -7.88 -16.69 8.08
N SER A 32 -8.81 -16.70 7.11
N SER A 32 -8.84 -16.69 7.16
CA SER A 32 -9.55 -15.54 6.57
CA SER A 32 -9.55 -15.50 6.66
C SER A 32 -11.04 -15.86 6.59
C SER A 32 -11.04 -15.83 6.60
N ARG A 33 -11.59 -16.20 7.75
CA ARG A 33 -12.99 -16.65 7.88
C ARG A 33 -13.90 -15.48 7.66
N VAL A 34 -13.63 -14.32 8.28
CA VAL A 34 -14.56 -13.17 8.12
C VAL A 34 -14.70 -12.81 6.63
N ALA A 35 -13.61 -12.80 5.86
CA ALA A 35 -13.60 -12.38 4.43
C ALA A 35 -14.53 -13.31 3.62
N LYS A 36 -14.63 -14.59 3.98
CA LYS A 36 -15.32 -15.63 3.17
C LYS A 36 -16.80 -15.73 3.58
N LEU A 37 -17.26 -15.05 4.63
CA LEU A 37 -18.70 -15.02 4.94
C LEU A 37 -19.46 -14.57 3.70
N PRO A 38 -20.62 -15.19 3.43
CA PRO A 38 -21.42 -14.86 2.23
C PRO A 38 -21.88 -13.41 2.21
N LYS A 39 -22.22 -12.82 3.36
CA LYS A 39 -22.58 -11.39 3.51
C LYS A 39 -21.42 -10.46 3.11
N ASN A 40 -20.18 -10.95 2.98
CA ASN A 40 -19.02 -10.10 2.63
C ASN A 40 -18.63 -10.33 1.17
N LYS A 41 -19.38 -11.13 0.42
CA LYS A 41 -18.96 -11.50 -0.94
C LYS A 41 -18.78 -10.22 -1.78
N ASN A 42 -19.71 -9.29 -1.72
CA ASN A 42 -19.67 -8.07 -2.54
C ASN A 42 -18.76 -6.99 -1.92
N ARG A 43 -18.00 -7.29 -0.84
CA ARG A 43 -17.03 -6.32 -0.24
C ARG A 43 -15.64 -6.66 -0.74
N ASN A 44 -15.49 -7.72 -1.54
CA ASN A 44 -14.18 -8.20 -2.04
C ASN A 44 -14.10 -8.10 -3.54
N ARG A 45 -13.06 -7.46 -4.05
CA ARG A 45 -12.85 -7.28 -5.51
C ARG A 45 -12.43 -8.61 -6.13
N TYR A 46 -11.58 -9.39 -5.44
CA TYR A 46 -11.05 -10.67 -5.95
C TYR A 46 -11.30 -11.75 -4.89
N ARG A 47 -11.80 -12.90 -5.31
CA ARG A 47 -12.25 -13.95 -4.36
C ARG A 47 -11.01 -14.62 -3.75
N ASP A 48 -9.86 -14.59 -4.42
CA ASP A 48 -8.60 -15.22 -3.92
C ASP A 48 -7.71 -14.20 -3.15
N VAL A 49 -8.17 -12.97 -2.87
CA VAL A 49 -7.36 -11.98 -2.09
C VAL A 49 -8.16 -11.53 -0.89
N SER A 50 -7.75 -12.01 0.27
CA SER A 50 -8.51 -11.84 1.52
C SER A 50 -7.55 -11.38 2.59
N PRO A 51 -8.00 -10.51 3.51
CA PRO A 51 -7.21 -10.23 4.70
C PRO A 51 -7.32 -11.43 5.64
N PHE A 52 -6.24 -11.72 6.35
CA PHE A 52 -6.24 -12.66 7.49
C PHE A 52 -7.10 -12.06 8.60
N ASP A 53 -7.80 -12.92 9.35
CA ASP A 53 -8.62 -12.41 10.48
C ASP A 53 -7.76 -11.67 11.49
N HIS A 54 -6.53 -12.12 11.75
CA HIS A 54 -5.76 -11.59 12.90
C HIS A 54 -5.34 -10.12 12.61
N SER A 55 -5.12 -9.75 11.35
CA SER A 55 -4.54 -8.43 11.02
C SER A 55 -5.57 -7.55 10.29
N ARG A 56 -6.83 -7.93 10.22
CA ARG A 56 -7.78 -7.22 9.34
C ARG A 56 -8.15 -5.92 10.03
N ILE A 57 -8.45 -4.86 9.27
CA ILE A 57 -8.95 -3.59 9.88
C ILE A 57 -10.45 -3.77 10.12
N LYS A 58 -10.94 -3.37 11.26
CA LYS A 58 -12.39 -3.45 11.50
C LYS A 58 -12.98 -2.07 11.39
N LEU A 59 -14.08 -1.95 10.68
CA LEU A 59 -14.88 -0.70 10.73
C LEU A 59 -15.61 -0.63 12.07
N HIS A 60 -15.77 0.57 12.65
CA HIS A 60 -16.57 0.80 13.89
C HIS A 60 -18.04 1.04 13.52
N GLN A 61 -18.68 0.22 12.69
CA GLN A 61 -20.15 0.22 12.48
C GLN A 61 -20.63 -1.14 13.02
N GLU A 62 -21.73 -1.16 13.78
CA GLU A 62 -22.17 -2.38 14.53
C GLU A 62 -22.67 -3.43 13.55
N ASP A 63 -23.26 -2.97 12.46
CA ASP A 63 -23.89 -3.81 11.43
C ASP A 63 -22.86 -4.82 10.89
N ASN A 64 -21.93 -4.36 10.04
CA ASN A 64 -20.92 -5.19 9.33
C ASN A 64 -19.57 -4.47 9.42
N ASP A 65 -18.60 -5.04 10.12
CA ASP A 65 -17.34 -4.33 10.42
C ASP A 65 -16.32 -4.60 9.32
N TYR A 66 -16.70 -5.26 8.23
CA TYR A 66 -15.70 -5.87 7.31
C TYR A 66 -15.28 -4.88 6.18
N ILE A 67 -13.98 -4.81 5.98
CA ILE A 67 -13.36 -4.18 4.79
C ILE A 67 -12.16 -5.04 4.44
N ASN A 68 -11.90 -5.15 3.15
CA ASN A 68 -10.71 -5.83 2.66
C ASN A 68 -9.51 -4.92 2.87
N ALA A 69 -8.92 -5.00 4.05
CA ALA A 69 -7.81 -4.15 4.47
C ALA A 69 -7.06 -4.87 5.59
N SER A 70 -5.73 -4.76 5.58
CA SER A 70 -4.82 -5.39 6.57
C SER A 70 -3.90 -4.30 7.15
N LEU A 71 -3.67 -4.38 8.46
CA LEU A 71 -2.61 -3.63 9.18
C LEU A 71 -1.32 -4.43 9.12
N ILE A 72 -0.30 -3.86 8.48
N ILE A 72 -0.34 -3.90 8.39
CA ILE A 72 1.09 -4.39 8.44
CA ILE A 72 1.07 -4.37 8.41
C ILE A 72 1.95 -3.60 9.43
C ILE A 72 1.76 -3.57 9.54
N LYS A 73 2.37 -4.27 10.51
CA LYS A 73 3.08 -3.64 11.65
C LYS A 73 4.52 -4.08 11.56
N MET A 74 5.44 -3.19 11.23
CA MET A 74 6.87 -3.54 11.13
C MET A 74 7.55 -2.97 12.40
N GLU A 75 7.63 -3.81 13.42
CA GLU A 75 8.08 -3.46 14.81
C GLU A 75 9.48 -2.83 14.80
N GLU A 76 10.48 -3.48 14.22
CA GLU A 76 11.85 -2.94 14.24
C GLU A 76 11.91 -1.59 13.52
N ALA A 77 11.22 -1.42 12.40
CA ALA A 77 11.28 -0.17 11.59
C ALA A 77 10.38 0.92 12.16
N GLN A 78 9.49 0.59 13.10
N GLN A 78 9.54 0.58 13.15
CA GLN A 78 8.52 1.56 13.71
CA GLN A 78 8.46 1.43 13.73
C GLN A 78 7.64 2.13 12.60
C GLN A 78 7.69 2.11 12.58
N ARG A 79 7.22 1.29 11.65
CA ARG A 79 6.38 1.71 10.52
C ARG A 79 5.15 0.82 10.56
N SER A 80 3.97 1.41 10.39
N SER A 80 3.98 1.38 10.28
CA SER A 80 2.71 0.69 10.11
CA SER A 80 2.71 0.64 10.12
C SER A 80 2.19 1.11 8.73
C SER A 80 1.94 1.16 8.90
N TYR A 81 1.43 0.22 8.09
CA TYR A 81 0.76 0.51 6.80
C TYR A 81 -0.55 -0.22 6.83
N ILE A 82 -1.59 0.39 6.28
CA ILE A 82 -2.83 -0.34 5.95
C ILE A 82 -2.74 -0.62 4.47
N LEU A 83 -2.83 -1.88 4.08
CA LEU A 83 -2.89 -2.24 2.64
C LEU A 83 -4.32 -2.65 2.35
N THR A 84 -4.90 -2.13 1.29
CA THR A 84 -6.32 -2.39 0.98
C THR A 84 -6.45 -2.53 -0.54
N GLN A 85 -7.59 -3.01 -0.94
CA GLN A 85 -7.93 -3.14 -2.37
C GLN A 85 -8.40 -1.77 -2.83
N GLY A 86 -8.33 -1.52 -4.12
CA GLY A 86 -9.00 -0.36 -4.69
C GLY A 86 -10.49 -0.46 -4.38
N PRO A 87 -11.11 0.58 -3.82
CA PRO A 87 -12.52 0.49 -3.46
C PRO A 87 -13.41 0.11 -4.66
N LEU A 88 -14.46 -0.59 -4.32
CA LEU A 88 -15.59 -0.90 -5.18
C LEU A 88 -16.63 0.24 -5.10
N PRO A 89 -17.52 0.33 -6.10
CA PRO A 89 -18.62 1.32 -6.08
C PRO A 89 -19.38 1.26 -4.75
N ASN A 90 -19.54 0.08 -4.19
CA ASN A 90 -20.35 -0.06 -2.96
C ASN A 90 -19.48 0.07 -1.70
N THR A 91 -18.14 0.18 -1.79
CA THR A 91 -17.29 0.28 -0.57
C THR A 91 -16.58 1.63 -0.48
N VAL A 92 -16.89 2.59 -1.37
CA VAL A 92 -16.20 3.91 -1.30
C VAL A 92 -16.46 4.53 0.08
N GLY A 93 -17.66 4.42 0.59
CA GLY A 93 -18.00 5.00 1.91
C GLY A 93 -17.25 4.31 3.03
N HIS A 94 -17.09 3.00 2.93
CA HIS A 94 -16.33 2.19 3.92
C HIS A 94 -14.86 2.59 3.90
N PHE A 95 -14.34 2.81 2.69
CA PHE A 95 -12.93 3.22 2.56
C PHE A 95 -12.70 4.51 3.37
N TRP A 96 -13.54 5.52 3.16
CA TRP A 96 -13.28 6.82 3.81
C TRP A 96 -13.58 6.71 5.30
N GLU A 97 -14.50 5.84 5.69
CA GLU A 97 -14.78 5.58 7.12
C GLU A 97 -13.51 5.00 7.76
N MET A 98 -12.85 4.07 7.08
CA MET A 98 -11.58 3.49 7.58
C MET A 98 -10.55 4.61 7.72
N VAL A 99 -10.39 5.48 6.69
CA VAL A 99 -9.38 6.58 6.77
C VAL A 99 -9.67 7.44 8.01
N TRP A 100 -10.93 7.77 8.20
CA TRP A 100 -11.36 8.58 9.35
C TRP A 100 -11.01 7.86 10.66
N GLU A 101 -11.49 6.63 10.83
CA GLU A 101 -11.37 5.87 12.11
C GLU A 101 -9.91 5.55 12.44
N GLN A 102 -9.03 5.31 11.48
CA GLN A 102 -7.61 5.00 11.74
C GLN A 102 -6.72 6.24 11.84
N LYS A 103 -7.25 7.45 11.62
CA LYS A 103 -6.53 8.75 11.75
C LYS A 103 -5.40 8.86 10.77
N SER A 104 -5.57 8.24 9.61
CA SER A 104 -4.58 8.28 8.54
C SER A 104 -4.47 9.72 8.02
N ARG A 105 -3.25 10.12 7.67
N ARG A 105 -3.27 10.11 7.59
CA ARG A 105 -2.92 11.42 7.04
CA ARG A 105 -2.94 11.45 7.04
C ARG A 105 -2.96 11.25 5.52
C ARG A 105 -2.77 11.35 5.51
N GLY A 106 -2.35 10.18 5.01
CA GLY A 106 -2.07 9.98 3.58
C GLY A 106 -2.77 8.76 3.02
N VAL A 107 -3.13 8.85 1.75
CA VAL A 107 -3.58 7.74 0.89
C VAL A 107 -2.63 7.67 -0.28
N VAL A 108 -2.02 6.50 -0.46
CA VAL A 108 -1.10 6.21 -1.57
C VAL A 108 -1.82 5.28 -2.57
N MET A 109 -1.97 5.75 -3.80
CA MET A 109 -2.66 5.01 -4.89
C MET A 109 -1.62 4.73 -5.96
N LEU A 110 -1.44 3.47 -6.33
CA LEU A 110 -0.40 3.04 -7.27
C LEU A 110 -1.00 2.49 -8.56
N ASN A 111 -2.26 2.78 -8.84
CA ASN A 111 -2.91 2.30 -10.09
C ASN A 111 -3.67 3.48 -10.71
N ARG A 112 -4.04 3.35 -11.97
CA ARG A 112 -5.02 4.22 -12.68
C ARG A 112 -6.37 3.57 -12.50
N VAL A 113 -7.42 4.36 -12.57
CA VAL A 113 -8.82 3.87 -12.42
C VAL A 113 -9.14 2.89 -13.56
N MET A 114 -8.59 3.13 -14.74
CA MET A 114 -8.76 2.17 -15.84
C MET A 114 -7.38 1.69 -16.27
N GLU A 115 -7.20 0.38 -16.32
CA GLU A 115 -5.98 -0.20 -16.91
C GLU A 115 -6.40 -1.40 -17.75
N LYS A 116 -5.73 -1.65 -18.87
CA LYS A 116 -6.06 -2.79 -19.76
C LYS A 116 -7.55 -2.78 -20.13
N GLY A 117 -8.15 -1.60 -20.29
CA GLY A 117 -9.54 -1.42 -20.71
C GLY A 117 -10.58 -1.87 -19.70
N SER A 118 -10.22 -2.13 -18.43
CA SER A 118 -11.18 -2.49 -17.35
C SER A 118 -11.04 -1.53 -16.15
N LEU A 119 -12.05 -1.43 -15.31
CA LEU A 119 -11.98 -0.56 -14.12
C LEU A 119 -11.28 -1.33 -13.02
N LYS A 120 -10.19 -0.77 -12.51
CA LYS A 120 -9.34 -1.39 -11.46
C LYS A 120 -9.73 -0.85 -10.07
N CYS A 121 -10.56 0.18 -10.06
CA CYS A 121 -10.86 1.00 -8.88
C CYS A 121 -12.06 1.91 -9.16
N ALA A 122 -12.93 2.14 -8.21
CA ALA A 122 -13.91 3.23 -8.25
C ALA A 122 -13.17 4.59 -8.15
N GLN A 123 -13.75 5.59 -8.79
CA GLN A 123 -13.37 7.01 -8.67
C GLN A 123 -13.83 7.44 -7.29
N TYR A 124 -12.98 7.44 -6.27
CA TYR A 124 -13.43 7.62 -4.87
C TYR A 124 -13.08 9.01 -4.34
N TRP A 125 -12.57 9.90 -5.19
CA TRP A 125 -12.29 11.30 -4.78
C TRP A 125 -12.86 12.26 -5.81
N PRO A 126 -13.13 13.52 -5.45
CA PRO A 126 -13.78 14.48 -6.35
C PRO A 126 -12.79 14.94 -7.41
N GLN A 127 -13.31 15.25 -8.58
CA GLN A 127 -12.46 15.67 -9.73
C GLN A 127 -12.39 17.19 -9.78
N LYS A 128 -13.30 17.89 -9.12
CA LYS A 128 -13.33 19.37 -9.19
C LYS A 128 -13.61 19.90 -7.80
N GLU A 129 -12.97 21.02 -7.48
CA GLU A 129 -13.19 21.77 -6.22
C GLU A 129 -14.67 21.89 -5.93
N GLU A 130 -15.47 22.32 -6.91
CA GLU A 130 -16.85 22.78 -6.61
C GLU A 130 -17.83 21.59 -6.58
N LYS A 131 -17.37 20.35 -6.82
CA LYS A 131 -18.28 19.18 -6.84
C LYS A 131 -17.83 18.19 -5.77
N GLU A 132 -18.22 18.43 -4.54
CA GLU A 132 -17.79 17.60 -3.39
C GLU A 132 -18.55 16.29 -3.44
N MET A 133 -18.08 15.27 -2.73
CA MET A 133 -18.77 13.95 -2.69
C MET A 133 -19.28 13.76 -1.28
N ILE A 134 -20.50 13.27 -1.18
CA ILE A 134 -21.13 12.90 0.13
C ILE A 134 -21.32 11.37 0.11
N PHE A 135 -20.90 10.71 1.18
CA PHE A 135 -21.07 9.25 1.36
C PHE A 135 -22.18 9.12 2.39
N GLU A 136 -23.39 8.91 1.92
CA GLU A 136 -24.60 8.93 2.80
C GLU A 136 -24.49 7.78 3.80
N ASP A 137 -23.99 6.60 3.37
CA ASP A 137 -23.94 5.39 4.21
C ASP A 137 -23.01 5.65 5.41
N THR A 138 -21.92 6.42 5.27
CA THR A 138 -20.97 6.61 6.40
C THR A 138 -20.95 8.05 6.89
N ASN A 139 -21.77 8.93 6.34
CA ASN A 139 -21.95 10.31 6.88
C ASN A 139 -20.66 11.13 6.78
N LEU A 140 -20.05 11.12 5.62
CA LEU A 140 -18.74 11.79 5.40
C LEU A 140 -18.87 12.65 4.14
N LYS A 141 -18.18 13.77 4.17
CA LYS A 141 -18.11 14.66 3.01
C LYS A 141 -16.64 14.82 2.65
N LEU A 142 -16.36 14.82 1.36
CA LEU A 142 -14.97 14.89 0.84
C LEU A 142 -14.91 16.02 -0.19
N THR A 143 -13.96 16.93 -0.03
CA THR A 143 -13.78 18.07 -0.94
C THR A 143 -12.37 18.07 -1.47
N LEU A 144 -12.21 18.23 -2.77
CA LEU A 144 -10.91 18.53 -3.37
C LEU A 144 -10.55 19.98 -3.07
N ILE A 145 -9.40 20.19 -2.43
CA ILE A 145 -8.88 21.52 -2.00
C ILE A 145 -7.88 21.97 -3.05
N SER A 146 -6.98 21.11 -3.48
CA SER A 146 -5.97 21.45 -4.50
C SER A 146 -5.41 20.16 -5.09
N GLU A 147 -4.82 20.32 -6.24
CA GLU A 147 -4.34 19.20 -7.07
C GLU A 147 -3.08 19.70 -7.72
N ASP A 148 -1.99 19.00 -7.56
CA ASP A 148 -0.69 19.35 -8.14
C ASP A 148 -0.28 18.18 -9.05
N ILE A 149 -0.44 18.35 -10.35
CA ILE A 149 -0.17 17.31 -11.37
C ILE A 149 1.26 17.42 -11.86
N LYS A 150 2.05 16.36 -11.71
CA LYS A 150 3.42 16.26 -12.25
C LYS A 150 3.48 15.10 -13.19
N SER A 151 4.64 14.87 -13.75
CA SER A 151 4.83 13.94 -14.88
C SER A 151 4.49 12.51 -14.43
N TYR A 152 4.96 12.12 -13.24
CA TYR A 152 4.96 10.72 -12.77
C TYR A 152 3.87 10.52 -11.71
N TYR A 153 3.40 11.58 -11.08
CA TYR A 153 2.46 11.47 -9.93
C TYR A 153 1.70 12.78 -9.79
N THR A 154 0.58 12.67 -9.10
CA THR A 154 -0.29 13.77 -8.71
C THR A 154 -0.41 13.75 -7.19
N VAL A 155 -0.38 14.92 -6.57
CA VAL A 155 -0.68 15.05 -5.12
C VAL A 155 -1.93 15.87 -5.03
N ARG A 156 -2.87 15.42 -4.25
CA ARG A 156 -4.11 16.16 -4.05
C ARG A 156 -4.26 16.40 -2.56
N GLN A 157 -4.64 17.62 -2.17
N GLN A 157 -4.83 17.55 -2.24
CA GLN A 157 -5.10 17.93 -0.80
CA GLN A 157 -5.15 17.98 -0.86
C GLN A 157 -6.62 17.77 -0.78
C GLN A 157 -6.66 17.87 -0.71
N LEU A 158 -7.12 17.02 0.22
CA LEU A 158 -8.55 16.72 0.36
C LEU A 158 -8.92 17.13 1.76
N GLU A 159 -10.16 17.55 1.93
CA GLU A 159 -10.74 17.80 3.25
C GLU A 159 -11.80 16.74 3.42
N LEU A 160 -11.68 16.01 4.49
CA LEU A 160 -12.65 14.97 4.89
C LEU A 160 -13.37 15.55 6.08
N GLU A 161 -14.69 15.56 6.03
CA GLU A 161 -15.50 16.12 7.12
C GLU A 161 -16.44 15.04 7.65
N ASN A 162 -16.43 14.89 8.96
CA ASN A 162 -17.36 13.99 9.63
C ASN A 162 -18.66 14.77 9.84
N LEU A 163 -19.70 14.44 9.10
CA LEU A 163 -20.96 15.21 9.11
C LEU A 163 -21.67 15.03 10.46
N THR A 164 -21.37 13.94 11.17
CA THR A 164 -21.95 13.60 12.50
C THR A 164 -21.42 14.57 13.56
N THR A 165 -20.17 15.00 13.49
CA THR A 165 -19.48 15.77 14.55
C THR A 165 -18.93 17.10 14.01
N GLN A 166 -19.10 17.35 12.72
CA GLN A 166 -18.52 18.52 12.02
C GLN A 166 -17.02 18.65 12.24
N GLU A 167 -16.28 17.61 12.62
CA GLU A 167 -14.80 17.71 12.55
C GLU A 167 -14.34 17.58 11.09
N THR A 168 -13.19 18.15 10.77
CA THR A 168 -12.62 18.09 9.42
C THR A 168 -11.15 17.72 9.58
N ARG A 169 -10.62 16.99 8.61
CA ARG A 169 -9.18 16.70 8.55
C ARG A 169 -8.74 16.91 7.14
N GLU A 170 -7.49 17.26 7.02
CA GLU A 170 -6.83 17.30 5.74
C GLU A 170 -6.23 15.91 5.46
N ILE A 171 -6.52 15.34 4.31
CA ILE A 171 -5.91 14.09 3.82
C ILE A 171 -5.06 14.44 2.61
N LEU A 172 -3.89 13.87 2.50
CA LEU A 172 -3.08 13.96 1.26
C LEU A 172 -3.27 12.68 0.44
N HIS A 173 -3.53 12.84 -0.83
CA HIS A 173 -3.69 11.74 -1.79
C HIS A 173 -2.48 11.76 -2.70
N PHE A 174 -1.65 10.74 -2.62
CA PHE A 174 -0.46 10.58 -3.47
C PHE A 174 -0.79 9.55 -4.52
N HIS A 175 -0.78 9.94 -5.77
CA HIS A 175 -1.29 9.10 -6.88
C HIS A 175 -0.17 8.88 -7.84
N TYR A 176 0.43 7.69 -7.86
CA TYR A 176 1.49 7.37 -8.82
C TYR A 176 0.80 6.94 -10.10
N THR A 177 1.01 7.65 -11.20
CA THR A 177 0.12 7.60 -12.39
C THR A 177 0.81 6.88 -13.55
N THR A 178 2.05 6.44 -13.42
CA THR A 178 2.86 6.00 -14.58
C THR A 178 3.34 4.57 -14.42
N TRP A 179 2.77 3.82 -13.50
CA TRP A 179 3.12 2.37 -13.47
C TRP A 179 2.56 1.76 -14.75
N PRO A 180 3.37 1.06 -15.56
CA PRO A 180 2.88 0.55 -16.85
C PRO A 180 1.84 -0.57 -16.68
N ASP A 181 0.95 -0.68 -17.69
CA ASP A 181 -0.16 -1.66 -17.75
C ASP A 181 0.41 -3.07 -17.57
N PHE A 182 1.58 -3.36 -18.14
CA PHE A 182 2.25 -4.68 -18.05
C PHE A 182 3.65 -4.49 -17.47
N GLY A 183 4.08 -5.42 -16.62
CA GLY A 183 5.48 -5.42 -16.16
C GLY A 183 5.72 -4.35 -15.10
N VAL A 184 6.94 -3.87 -15.01
CA VAL A 184 7.34 -2.94 -13.92
C VAL A 184 8.03 -1.79 -14.60
N PRO A 185 8.21 -0.62 -13.93
CA PRO A 185 8.99 0.46 -14.52
C PRO A 185 10.40 -0.05 -14.82
N GLU A 186 11.03 0.53 -15.85
CA GLU A 186 12.37 0.11 -16.33
C GLU A 186 13.39 0.53 -15.28
N SER A 187 13.29 1.79 -14.85
CA SER A 187 14.14 2.38 -13.79
C SER A 187 13.28 2.65 -12.55
N PRO A 188 13.82 2.45 -11.33
CA PRO A 188 13.11 2.79 -10.11
C PRO A 188 13.20 4.25 -9.71
N ALA A 189 13.72 5.13 -10.57
CA ALA A 189 14.01 6.52 -10.14
C ALA A 189 12.70 7.24 -9.79
N SER A 190 11.68 7.15 -10.62
CA SER A 190 10.47 8.00 -10.39
C SER A 190 9.66 7.40 -9.21
N PHE A 191 9.74 6.11 -9.04
CA PHE A 191 9.12 5.42 -7.88
C PHE A 191 9.78 5.87 -6.56
N LEU A 192 11.12 5.95 -6.53
CA LEU A 192 11.89 6.41 -5.34
C LEU A 192 11.57 7.85 -5.05
N ASN A 193 11.58 8.69 -6.08
N ASN A 193 11.56 8.72 -6.08
CA ASN A 193 11.20 10.13 -5.96
CA ASN A 193 11.20 10.15 -5.89
C ASN A 193 9.81 10.22 -5.30
C ASN A 193 9.79 10.25 -5.31
N PHE A 194 8.87 9.42 -5.80
CA PHE A 194 7.49 9.37 -5.26
C PHE A 194 7.50 8.95 -3.79
N LEU A 195 8.22 7.88 -3.48
CA LEU A 195 8.34 7.39 -2.06
C LEU A 195 8.95 8.48 -1.18
N PHE A 196 9.96 9.23 -1.62
CA PHE A 196 10.57 10.31 -0.79
C PHE A 196 9.57 11.42 -0.63
N LYS A 197 8.70 11.63 -1.60
CA LYS A 197 7.68 12.70 -1.46
C LYS A 197 6.67 12.30 -0.40
N VAL A 198 6.25 11.04 -0.39
CA VAL A 198 5.30 10.60 0.67
C VAL A 198 5.96 10.79 2.04
N ARG A 199 7.21 10.38 2.17
CA ARG A 199 7.93 10.49 3.46
C ARG A 199 7.97 11.96 3.89
N GLU A 200 8.34 12.84 2.95
CA GLU A 200 8.51 14.29 3.26
C GLU A 200 7.21 14.90 3.72
N SER A 201 6.06 14.34 3.37
CA SER A 201 4.75 14.91 3.76
C SER A 201 4.45 14.72 5.24
N GLY A 202 5.14 13.80 5.90
CA GLY A 202 4.77 13.42 7.27
C GLY A 202 3.74 12.32 7.36
N SER A 203 3.27 11.79 6.23
CA SER A 203 2.17 10.79 6.18
C SER A 203 2.58 9.45 6.80
N LEU A 204 3.88 9.14 6.82
CA LEU A 204 4.43 7.84 7.31
C LEU A 204 4.94 7.96 8.74
N SER A 205 4.65 9.08 9.39
CA SER A 205 5.23 9.39 10.71
C SER A 205 4.32 8.89 11.82
N PRO A 206 4.91 8.51 12.98
CA PRO A 206 4.14 7.93 14.07
C PRO A 206 3.14 8.85 14.77
N GLU A 207 3.21 10.15 14.52
N GLU A 207 3.21 10.15 14.50
CA GLU A 207 2.22 11.14 15.01
CA GLU A 207 2.25 11.18 15.00
C GLU A 207 0.85 10.75 14.44
C GLU A 207 0.92 11.10 14.22
N HIS A 208 0.83 10.22 13.21
CA HIS A 208 -0.44 9.96 12.48
C HIS A 208 -0.79 8.47 12.53
N GLY A 209 -2.04 8.15 12.26
CA GLY A 209 -2.49 6.80 11.97
C GLY A 209 -1.72 6.29 10.77
N PRO A 210 -1.80 4.97 10.51
CA PRO A 210 -1.06 4.38 9.40
C PRO A 210 -1.55 4.93 8.04
N VAL A 211 -0.59 5.07 7.16
CA VAL A 211 -0.85 5.40 5.75
C VAL A 211 -1.72 4.29 5.12
N VAL A 212 -2.69 4.68 4.27
CA VAL A 212 -3.46 3.70 3.47
C VAL A 212 -2.79 3.56 2.13
N VAL A 213 -2.43 2.34 1.75
CA VAL A 213 -1.75 2.07 0.46
C VAL A 213 -2.67 1.13 -0.33
N HIS A 214 -2.91 1.42 -1.59
CA HIS A 214 -3.67 0.48 -2.45
C HIS A 214 -3.20 0.52 -3.90
N CYS A 215 -3.49 -0.57 -4.58
CA CYS A 215 -3.45 -0.73 -6.04
C CYS A 215 -4.83 -1.32 -6.34
N SER A 216 -4.96 -2.32 -7.22
N SER A 216 -4.90 -2.30 -7.24
CA SER A 216 -6.28 -2.94 -7.45
CA SER A 216 -6.13 -3.05 -7.59
C SER A 216 -6.56 -4.00 -6.37
C SER A 216 -6.51 -3.98 -6.43
N ALA A 217 -5.62 -4.92 -6.13
CA ALA A 217 -5.83 -5.99 -5.13
C ALA A 217 -5.23 -5.58 -3.77
N GLY A 218 -4.31 -4.63 -3.74
CA GLY A 218 -3.61 -4.29 -2.49
C GLY A 218 -2.52 -5.29 -2.09
N ILE A 219 -1.83 -5.93 -3.04
CA ILE A 219 -0.78 -6.94 -2.72
C ILE A 219 0.46 -6.79 -3.59
N GLY A 220 0.35 -6.33 -4.84
CA GLY A 220 1.47 -6.32 -5.78
C GLY A 220 2.27 -5.03 -5.73
N ARG A 221 1.80 -4.01 -6.43
CA ARG A 221 2.47 -2.68 -6.36
C ARG A 221 2.50 -2.16 -4.92
N SER A 222 1.42 -2.36 -4.17
CA SER A 222 1.28 -1.90 -2.76
C SER A 222 2.38 -2.56 -1.94
N GLY A 223 2.59 -3.83 -2.18
CA GLY A 223 3.67 -4.62 -1.60
C GLY A 223 5.05 -4.03 -1.83
N THR A 224 5.34 -3.67 -3.08
N THR A 224 5.34 -3.66 -3.08
CA THR A 224 6.63 -3.07 -3.51
CA THR A 224 6.65 -3.08 -3.49
C THR A 224 6.86 -1.78 -2.72
C THR A 224 6.86 -1.78 -2.71
N PHE A 225 5.81 -0.98 -2.55
CA PHE A 225 5.90 0.32 -1.87
C PHE A 225 6.37 0.13 -0.42
N CYS A 226 5.69 -0.71 0.37
N CYS A 226 5.65 -0.69 0.35
CA CYS A 226 5.98 -0.85 1.83
CA CYS A 226 5.94 -0.94 1.78
C CYS A 226 7.23 -1.73 2.06
C CYS A 226 7.30 -1.61 1.95
N LEU A 227 7.57 -2.63 1.13
CA LEU A 227 8.85 -3.37 1.20
C LEU A 227 10.04 -2.40 1.01
N ALA A 228 9.97 -1.51 0.02
CA ALA A 228 11.08 -0.58 -0.27
C ALA A 228 11.23 0.38 0.90
N ASP A 229 10.12 0.92 1.37
CA ASP A 229 10.15 1.90 2.49
C ASP A 229 10.79 1.24 3.73
N THR A 230 10.30 0.08 4.14
CA THR A 230 10.73 -0.62 5.36
C THR A 230 12.22 -0.98 5.23
N CYS A 231 12.61 -1.59 4.12
CA CYS A 231 14.03 -1.96 3.88
C CYS A 231 14.97 -0.74 4.00
N LEU A 232 14.66 0.38 3.35
CA LEU A 232 15.51 1.59 3.41
C LEU A 232 15.58 2.14 4.84
N LEU A 233 14.48 2.14 5.57
N LEU A 233 14.46 2.15 5.55
CA LEU A 233 14.45 2.63 6.97
CA LEU A 233 14.37 2.58 6.98
C LEU A 233 15.31 1.72 7.86
C LEU A 233 15.33 1.72 7.82
N LEU A 234 15.28 0.41 7.64
CA LEU A 234 16.08 -0.55 8.47
C LEU A 234 17.57 -0.33 8.17
N MET A 235 17.93 0.00 6.94
CA MET A 235 19.34 0.31 6.59
C MET A 235 19.81 1.56 7.32
N ASP A 236 18.96 2.53 7.60
CA ASP A 236 19.31 3.72 8.42
C ASP A 236 19.52 3.35 9.89
N LYS A 237 18.82 2.34 10.36
CA LYS A 237 18.64 2.12 11.81
C LYS A 237 19.73 1.17 12.29
N ARG A 238 20.20 0.24 11.48
CA ARG A 238 21.08 -0.87 11.92
C ARG A 238 22.55 -0.48 11.88
N LYS A 239 23.35 -1.05 12.79
CA LYS A 239 24.82 -0.80 12.81
C LYS A 239 25.43 -1.24 11.48
N ASP A 240 24.97 -2.37 10.95
CA ASP A 240 25.43 -2.95 9.67
C ASP A 240 24.27 -2.94 8.69
N PRO A 241 24.19 -1.95 7.79
CA PRO A 241 23.13 -1.89 6.77
C PRO A 241 22.97 -3.11 5.86
N SER A 242 24.02 -3.91 5.66
CA SER A 242 24.00 -5.08 4.75
C SER A 242 23.42 -6.29 5.48
N SER A 243 23.16 -6.21 6.78
CA SER A 243 22.39 -7.25 7.50
C SER A 243 20.92 -7.28 7.04
N VAL A 244 20.46 -6.31 6.23
CA VAL A 244 19.06 -6.23 5.79
C VAL A 244 18.82 -7.26 4.68
N ASP A 245 17.99 -8.26 4.92
CA ASP A 245 17.66 -9.30 3.93
C ASP A 245 16.22 -9.03 3.46
N ILE A 246 16.07 -8.61 2.20
N ILE A 246 16.07 -8.58 2.21
CA ILE A 246 14.76 -8.21 1.61
CA ILE A 246 14.77 -8.25 1.57
C ILE A 246 13.79 -9.42 1.60
C ILE A 246 13.82 -9.43 1.75
N LYS A 247 14.31 -10.64 1.48
CA LYS A 247 13.49 -11.87 1.48
C LYS A 247 12.90 -12.08 2.85
N LYS A 248 13.68 -11.80 3.89
CA LYS A 248 13.20 -11.97 5.28
C LYS A 248 12.14 -10.90 5.57
N VAL A 249 12.39 -9.68 5.15
CA VAL A 249 11.44 -8.58 5.40
C VAL A 249 10.13 -8.91 4.70
N LEU A 250 10.20 -9.36 3.45
CA LEU A 250 8.99 -9.72 2.69
C LEU A 250 8.22 -10.80 3.45
N LEU A 251 8.93 -11.82 3.92
CA LEU A 251 8.25 -12.92 4.64
C LEU A 251 7.57 -12.41 5.91
N GLU A 252 8.22 -11.48 6.63
N GLU A 252 8.21 -11.48 6.63
CA GLU A 252 7.64 -10.89 7.87
CA GLU A 252 7.56 -10.87 7.84
C GLU A 252 6.38 -10.10 7.49
C GLU A 252 6.27 -10.19 7.39
N MET A 253 6.38 -9.43 6.34
N MET A 253 6.32 -9.34 6.35
CA MET A 253 5.23 -8.61 5.89
CA MET A 253 5.12 -8.59 5.90
C MET A 253 4.09 -9.54 5.48
C MET A 253 4.03 -9.58 5.51
N ARG A 254 4.41 -10.69 4.88
CA ARG A 254 3.42 -11.71 4.45
C ARG A 254 2.75 -12.39 5.64
N LYS A 255 3.16 -12.16 6.87
CA LYS A 255 2.40 -12.71 8.02
C LYS A 255 1.13 -11.89 8.20
N PHE A 256 1.12 -10.68 7.63
CA PHE A 256 0.04 -9.69 7.88
C PHE A 256 -0.96 -9.61 6.72
N ARG A 257 -0.51 -9.85 5.51
CA ARG A 257 -1.37 -9.89 4.32
C ARG A 257 -0.76 -10.83 3.31
N MET A 258 -1.59 -11.71 2.75
CA MET A 258 -1.15 -12.72 1.78
C MET A 258 -0.70 -12.05 0.48
N GLY A 259 0.25 -12.68 -0.20
CA GLY A 259 0.50 -12.48 -1.63
C GLY A 259 1.28 -11.23 -1.93
N LEU A 260 1.78 -10.53 -0.91
CA LEU A 260 2.52 -9.28 -1.19
C LEU A 260 3.68 -9.59 -2.14
N ILE A 261 3.78 -8.81 -3.23
CA ILE A 261 4.69 -9.01 -4.39
C ILE A 261 4.13 -10.19 -5.17
N GLN A 262 3.56 -9.90 -6.34
N GLN A 262 3.56 -9.94 -6.34
CA GLN A 262 2.72 -10.85 -7.12
CA GLN A 262 2.72 -10.94 -7.06
C GLN A 262 3.57 -11.64 -8.11
C GLN A 262 3.47 -11.58 -8.23
N THR A 263 4.65 -11.06 -8.62
CA THR A 263 5.44 -11.64 -9.72
C THR A 263 6.92 -11.57 -9.36
N ALA A 264 7.71 -12.39 -10.03
CA ALA A 264 9.18 -12.41 -9.91
C ALA A 264 9.73 -11.07 -10.42
N ASP A 265 9.06 -10.44 -11.36
CA ASP A 265 9.46 -9.11 -11.86
C ASP A 265 9.30 -8.04 -10.78
N GLN A 266 8.21 -8.11 -10.01
CA GLN A 266 7.98 -7.16 -8.89
C GLN A 266 9.07 -7.35 -7.82
N LEU A 267 9.45 -8.61 -7.55
CA LEU A 267 10.56 -8.94 -6.62
C LEU A 267 11.86 -8.31 -7.15
N ARG A 268 12.22 -8.55 -8.40
CA ARG A 268 13.46 -7.95 -8.98
C ARG A 268 13.40 -6.42 -8.86
N PHE A 269 12.28 -5.82 -9.20
CA PHE A 269 12.08 -4.35 -9.11
C PHE A 269 12.31 -3.87 -7.67
N SER A 270 11.81 -4.60 -6.66
CA SER A 270 11.97 -4.25 -5.23
C SER A 270 13.45 -4.25 -4.86
N TYR A 271 14.20 -5.27 -5.27
CA TYR A 271 15.67 -5.29 -5.05
C TYR A 271 16.29 -4.02 -5.62
N LEU A 272 16.00 -3.73 -6.89
N LEU A 272 15.97 -3.72 -6.89
CA LEU A 272 16.52 -2.56 -7.64
CA LEU A 272 16.52 -2.57 -7.64
C LEU A 272 16.16 -1.26 -6.93
C LEU A 272 16.16 -1.26 -6.93
N ALA A 273 14.91 -1.13 -6.47
CA ALA A 273 14.46 0.09 -5.78
C ALA A 273 15.27 0.27 -4.48
N VAL A 274 15.45 -0.82 -3.74
CA VAL A 274 16.18 -0.73 -2.44
C VAL A 274 17.65 -0.45 -2.73
N ILE A 275 18.25 -1.19 -3.68
CA ILE A 275 19.69 -1.00 -4.03
C ILE A 275 19.91 0.46 -4.42
N GLU A 276 19.09 1.00 -5.30
CA GLU A 276 19.26 2.38 -5.83
C GLU A 276 18.98 3.35 -4.70
N GLY A 277 17.95 3.07 -3.90
CA GLY A 277 17.55 4.02 -2.83
C GLY A 277 18.64 4.14 -1.77
N ALA A 278 19.34 3.03 -1.51
CA ALA A 278 20.50 2.92 -0.59
C ALA A 278 21.59 3.94 -0.98
N LYS A 279 21.84 4.18 -2.27
CA LYS A 279 22.79 5.23 -2.72
C LYS A 279 22.35 6.60 -2.18
N PHE A 280 21.09 7.02 -2.36
CA PHE A 280 20.57 8.31 -1.84
C PHE A 280 20.50 8.34 -0.31
N ILE A 281 20.89 7.27 0.38
CA ILE A 281 20.72 7.09 1.86
C ILE A 281 22.10 6.81 2.50
N MET A 282 23.19 6.79 1.73
CA MET A 282 24.53 6.39 2.23
C MET A 282 25.59 7.28 1.56
C TRS B . -2.14 -10.29 16.17
C1 TRS B . -2.02 -9.23 17.26
C2 TRS B . -1.39 -9.86 14.90
C3 TRS B . -3.60 -10.63 15.88
N TRS B . -1.50 -11.55 16.69
O1 TRS B . -0.68 -8.80 17.44
O2 TRS B . -2.06 -8.94 14.05
O3 TRS B . -4.53 -9.73 16.46
H11 TRS B . -2.37 -9.59 18.12
H12 TRS B . -2.57 -8.46 17.04
H21 TRS B . -1.18 -10.66 14.39
H22 TRS B . -0.54 -9.45 15.17
H31 TRS B . -3.80 -11.54 16.20
H32 TRS B . -3.73 -10.63 14.91
HN1 TRS B . -2.12 -12.21 16.82
HN2 TRS B . -1.10 -11.40 17.49
HN3 TRS B . -0.88 -11.86 16.12
HO1 TRS B . -0.72 -8.18 18.04
HO2 TRS B . -1.55 -8.78 13.39
HO3 TRS B . -4.38 -8.86 15.99
C01 JG4 C . -16.59 -8.77 -7.28
C02 JG4 C . -17.00 -7.52 -8.07
C03 JG4 C . -17.92 -6.73 -7.33
S04 JG4 C . -18.17 -7.42 -5.89
C05 JG4 C . -17.26 -8.76 -6.01
C06 JG4 C . -18.53 -5.38 -7.76
N07 JG4 C . -18.30 -4.75 -8.93
C08 JG4 C . -18.96 -3.62 -8.89
C09 JG4 C . -19.61 -3.54 -7.68
N10 JG4 C . -19.33 -4.61 -7.00
H011 JG4 C . -15.91 -9.54 -7.62
H021 JG4 C . -16.66 -7.28 -9.07
H051 JG4 C . -17.15 -9.52 -5.24
H081 JG4 C . -18.99 -2.89 -9.69
H091 JG4 C . -20.25 -2.73 -7.34
H101 JG4 C . -19.67 -4.84 -6.06
#